data_5KMK
#
_entry.id   5KMK
#
_cell.length_a   52.307
_cell.length_b   52.307
_cell.length_c   224.886
_cell.angle_alpha   90.000
_cell.angle_beta   90.000
_cell.angle_gamma   120.000
#
_symmetry.space_group_name_H-M   'P 31 1 2'
#
loop_
_entity.id
_entity.type
_entity.pdbx_description
1 polymer 'High affinity nerve growth factor receptor'
2 non-polymer 2-fluoranyl-~{N}-[2-(4-fluorophenyl)-6-methyl-pyridin-3-yl]-4-(trifluoromethyl)benzamide
3 water water
#
_entity_poly.entity_id   1
_entity_poly.type   'polypeptide(L)'
_entity_poly.pdbx_seq_one_letter_code
;SSLSPTEGKGSGLQGHIIENPQYFSDACVHHIKRRDIVLKWELGEGAFGKVFLAECHNLLPEQDKMLVAVKALKEASESA
RQDFQREAELLTMLQHQHIVRFFGVCTEGRPLLMVFEYMRHGDLNRFLRSHGPDAKLLAGGEDVAPGPLGLGQLLAVASQ
VAAGMVYLAGLHFVHRDLATRNCLVGQGLVVKIGDFGMSRDIYSTDYYRVGGRTMLPIRWMPPESILYRKFTTESDVWSF
GVVLWEIFTYGKQPWYQLSNTEAIDCITQGRELERPRACPPEVYAIMRGCWQREPQQRHSIKDVHARLQALAQAPPVYLD
VLGHHHHHH
;
_entity_poly.pdbx_strand_id   A
#
# COMPACT_ATOMS: atom_id res chain seq x y z
N SER A 11 -12.91 -4.43 -2.56
CA SER A 11 -12.90 -4.06 -1.14
C SER A 11 -11.75 -4.77 -0.36
N GLY A 12 -10.91 -5.54 -1.08
CA GLY A 12 -9.71 -6.25 -0.64
C GLY A 12 -9.86 -7.37 0.35
N LEU A 13 -10.08 -6.99 1.62
CA LEU A 13 -10.28 -7.93 2.73
C LEU A 13 -11.60 -8.67 2.51
N GLN A 14 -12.61 -7.94 1.96
CA GLN A 14 -13.95 -8.47 1.68
C GLN A 14 -13.93 -9.50 0.54
N GLY A 15 -13.15 -9.23 -0.51
CA GLY A 15 -12.98 -10.11 -1.66
C GLY A 15 -12.41 -11.47 -1.28
N HIS A 16 -11.45 -11.47 -0.34
CA HIS A 16 -10.81 -12.69 0.16
C HIS A 16 -11.77 -13.47 1.06
N ILE A 17 -12.70 -12.75 1.76
CA ILE A 17 -13.71 -13.34 2.63
C ILE A 17 -14.78 -14.05 1.75
N ILE A 18 -15.15 -13.44 0.59
CA ILE A 18 -16.12 -14.00 -0.36
C ILE A 18 -15.40 -15.04 -1.29
N GLU A 19 -14.75 -16.06 -0.67
CA GLU A 19 -14.01 -17.19 -1.25
C GLU A 19 -13.28 -18.03 -0.19
N ASN A 20 -12.88 -17.39 0.94
CA ASN A 20 -12.17 -17.95 2.10
C ASN A 20 -10.93 -18.78 1.73
N ALA A 27 -12.62 -17.30 17.85
CA ALA A 27 -11.73 -16.44 17.06
C ALA A 27 -10.46 -16.04 17.82
N CYS A 28 -9.31 -16.14 17.13
CA CYS A 28 -7.95 -15.81 17.58
C CYS A 28 -7.70 -14.28 17.75
N VAL A 29 -8.76 -13.47 17.47
CA VAL A 29 -8.76 -12.00 17.58
C VAL A 29 -8.48 -11.57 19.03
N HIS A 30 -7.51 -10.66 19.20
CA HIS A 30 -7.11 -10.12 20.49
C HIS A 30 -8.06 -8.97 20.83
N HIS A 31 -8.50 -8.91 22.11
CA HIS A 31 -9.41 -7.85 22.56
C HIS A 31 -8.72 -6.88 23.47
N ILE A 32 -9.14 -5.61 23.39
CA ILE A 32 -8.55 -4.52 24.18
C ILE A 32 -9.67 -3.79 24.91
N LYS A 33 -9.48 -3.53 26.21
CA LYS A 33 -10.48 -2.81 27.03
C LYS A 33 -10.58 -1.34 26.63
N ARG A 34 -11.81 -0.79 26.54
CA ARG A 34 -11.98 0.63 26.19
C ARG A 34 -11.11 1.56 27.05
N ARG A 35 -10.97 1.26 28.34
CA ARG A 35 -10.17 2.03 29.31
C ARG A 35 -8.66 1.99 28.98
N ASP A 36 -8.23 0.98 28.20
CA ASP A 36 -6.84 0.83 27.78
C ASP A 36 -6.54 1.66 26.51
N ILE A 37 -7.58 2.19 25.85
CA ILE A 37 -7.46 3.01 24.64
C ILE A 37 -7.86 4.42 24.95
N VAL A 38 -6.94 5.36 24.74
CA VAL A 38 -7.27 6.75 24.96
C VAL A 38 -7.12 7.51 23.63
N LEU A 39 -8.23 7.94 23.05
CA LEU A 39 -8.27 8.70 21.80
C LEU A 39 -7.60 10.08 22.04
N LYS A 40 -6.66 10.47 21.17
CA LYS A 40 -5.92 11.74 21.27
C LYS A 40 -6.51 12.78 20.35
N TRP A 41 -6.52 12.47 19.04
CA TRP A 41 -7.05 13.33 17.99
C TRP A 41 -7.23 12.54 16.70
N GLU A 42 -8.05 13.08 15.81
CA GLU A 42 -8.33 12.52 14.50
C GLU A 42 -7.08 12.63 13.59
N LEU A 43 -6.90 11.65 12.69
CA LEU A 43 -5.82 11.62 11.70
C LEU A 43 -6.47 11.78 10.30
N GLY A 44 -7.69 11.26 10.14
CA GLY A 44 -8.52 11.33 8.93
C GLY A 44 -9.93 10.79 9.07
N GLU A 45 -10.80 11.11 8.07
CA GLU A 45 -12.21 10.68 8.03
C GLU A 45 -12.77 10.50 6.61
N GLY A 46 -13.75 9.59 6.51
CA GLY A 46 -14.43 9.27 5.26
C GLY A 46 -15.90 8.92 5.36
N ALA A 47 -16.27 7.76 4.78
CA ALA A 47 -17.65 7.23 4.74
C ALA A 47 -17.79 5.96 5.60
N PHE A 48 -16.82 5.03 5.47
CA PHE A 48 -16.77 3.76 6.20
C PHE A 48 -16.35 3.97 7.69
N GLY A 49 -15.86 5.17 8.01
CA GLY A 49 -15.41 5.56 9.34
C GLY A 49 -14.28 6.58 9.38
N LYS A 50 -13.71 6.80 10.57
CA LYS A 50 -12.60 7.72 10.82
C LYS A 50 -11.43 7.06 11.55
N VAL A 51 -10.26 7.71 11.50
CA VAL A 51 -9.02 7.25 12.09
C VAL A 51 -8.56 8.24 13.11
N PHE A 52 -8.12 7.73 14.28
CA PHE A 52 -7.62 8.51 15.41
C PHE A 52 -6.30 8.01 15.86
N LEU A 53 -5.48 8.94 16.40
CA LEU A 53 -4.22 8.63 17.04
C LEU A 53 -4.69 8.40 18.46
N ALA A 54 -4.26 7.30 19.07
CA ALA A 54 -4.67 6.97 20.43
C ALA A 54 -3.47 6.47 21.20
N GLU A 55 -3.62 6.44 22.52
CA GLU A 55 -2.62 5.97 23.46
C GLU A 55 -3.15 4.65 23.98
N CYS A 56 -2.34 3.60 23.86
CA CYS A 56 -2.72 2.27 24.30
C CYS A 56 -1.85 1.76 25.44
N HIS A 57 -2.52 1.31 26.51
CA HIS A 57 -1.87 0.81 27.72
C HIS A 57 -1.94 -0.71 27.83
N ASN A 58 -0.84 -1.31 28.34
CA ASN A 58 -0.69 -2.75 28.59
C ASN A 58 -0.83 -3.61 27.32
N LEU A 59 -0.44 -3.04 26.16
CA LEU A 59 -0.53 -3.71 24.86
C LEU A 59 0.74 -4.55 24.60
N LEU A 60 1.91 -3.92 24.74
CA LEU A 60 3.22 -4.54 24.53
C LEU A 60 4.11 -4.43 25.77
N PRO A 61 4.95 -5.46 26.05
CA PRO A 61 5.84 -5.40 27.23
C PRO A 61 7.00 -4.42 27.07
N GLU A 62 7.60 -3.99 28.20
CA GLU A 62 8.73 -3.04 28.28
C GLU A 62 8.39 -1.64 27.69
N GLN A 63 7.08 -1.35 27.53
CA GLN A 63 6.60 -0.08 26.97
C GLN A 63 5.58 0.62 27.87
N ASP A 64 4.66 -0.15 28.52
CA ASP A 64 3.58 0.28 29.44
C ASP A 64 2.47 1.05 28.72
N LYS A 65 2.86 2.06 27.92
CA LYS A 65 2.03 2.93 27.09
C LYS A 65 2.71 3.08 25.70
N MET A 66 1.89 3.16 24.61
CA MET A 66 2.36 3.29 23.23
C MET A 66 1.31 3.91 22.30
N LEU A 67 1.78 4.55 21.22
CA LEU A 67 0.91 5.17 20.23
C LEU A 67 0.44 4.16 19.19
N VAL A 68 -0.85 4.26 18.83
CA VAL A 68 -1.50 3.36 17.86
C VAL A 68 -2.45 4.17 16.98
N ALA A 69 -2.82 3.62 15.80
CA ALA A 69 -3.78 4.19 14.87
C ALA A 69 -5.03 3.36 15.06
N VAL A 70 -6.13 4.04 15.37
CA VAL A 70 -7.42 3.45 15.68
C VAL A 70 -8.48 3.77 14.61
N LYS A 71 -9.09 2.71 14.09
CA LYS A 71 -10.12 2.82 13.05
C LYS A 71 -11.47 2.65 13.75
N ALA A 72 -12.28 3.71 13.72
CA ALA A 72 -13.58 3.67 14.35
C ALA A 72 -14.64 3.42 13.29
N LEU A 73 -15.30 2.25 13.40
CA LEU A 73 -16.37 1.80 12.52
C LEU A 73 -17.55 2.76 12.64
N LYS A 74 -17.95 3.35 11.50
CA LYS A 74 -19.06 4.31 11.41
C LYS A 74 -20.39 3.57 11.38
N GLU A 78 -26.42 -0.67 11.73
CA GLU A 78 -26.55 -1.54 10.55
C GLU A 78 -25.87 -2.90 10.77
N SER A 79 -26.10 -3.87 9.85
CA SER A 79 -25.51 -5.22 9.91
C SER A 79 -24.12 -5.23 9.25
N ALA A 80 -23.22 -4.38 9.80
CA ALA A 80 -21.84 -4.16 9.41
C ALA A 80 -20.89 -4.62 10.52
N ARG A 81 -21.46 -4.98 11.68
CA ARG A 81 -20.75 -5.47 12.87
C ARG A 81 -20.15 -6.87 12.62
N GLN A 82 -20.84 -7.69 11.80
CA GLN A 82 -20.40 -9.05 11.44
C GLN A 82 -19.23 -8.97 10.46
N ASP A 83 -19.28 -7.97 9.55
CA ASP A 83 -18.26 -7.66 8.54
C ASP A 83 -16.94 -7.35 9.30
N PHE A 84 -17.04 -6.50 10.36
CA PHE A 84 -15.98 -6.05 11.26
C PHE A 84 -15.23 -7.25 11.84
N GLN A 85 -15.99 -8.25 12.38
CA GLN A 85 -15.46 -9.45 13.00
C GLN A 85 -14.63 -10.32 12.03
N ARG A 86 -15.17 -10.59 10.83
CA ARG A 86 -14.47 -11.40 9.81
C ARG A 86 -13.22 -10.67 9.28
N GLU A 87 -13.32 -9.31 9.14
CA GLU A 87 -12.20 -8.43 8.71
C GLU A 87 -11.12 -8.55 9.78
N ALA A 88 -11.51 -8.42 11.07
CA ALA A 88 -10.60 -8.59 12.21
C ALA A 88 -9.98 -9.99 12.26
N GLU A 89 -10.75 -11.04 11.90
CA GLU A 89 -10.21 -12.41 11.88
C GLU A 89 -9.15 -12.50 10.80
N LEU A 90 -9.48 -12.00 9.58
CA LEU A 90 -8.54 -11.97 8.45
C LEU A 90 -7.28 -11.18 8.82
N LEU A 91 -7.44 -9.95 9.37
CA LEU A 91 -6.34 -9.10 9.82
C LEU A 91 -5.44 -9.76 10.86
N THR A 92 -6.03 -10.59 11.75
CA THR A 92 -5.28 -11.33 12.78
C THR A 92 -4.37 -12.39 12.12
N MET A 93 -4.86 -13.02 11.04
CA MET A 93 -4.08 -14.03 10.30
C MET A 93 -2.96 -13.34 9.50
N LEU A 94 -3.28 -12.18 8.88
CA LEU A 94 -2.34 -11.40 8.06
C LEU A 94 -1.30 -10.70 8.92
N GLN A 95 -0.24 -11.44 9.27
CA GLN A 95 0.88 -10.95 10.08
C GLN A 95 2.19 -11.28 9.38
N HIS A 96 2.94 -10.22 9.01
CA HIS A 96 4.22 -10.27 8.29
C HIS A 96 5.01 -8.98 8.56
N GLN A 97 6.33 -9.05 8.44
CA GLN A 97 7.26 -7.92 8.62
C GLN A 97 6.92 -6.70 7.72
N HIS A 98 6.20 -6.91 6.59
CA HIS A 98 5.86 -5.81 5.67
C HIS A 98 4.34 -5.69 5.36
N ILE A 99 3.53 -6.00 6.40
CA ILE A 99 2.08 -5.87 6.43
C ILE A 99 1.85 -5.05 7.73
N VAL A 100 1.09 -3.93 7.65
CA VAL A 100 0.79 -3.05 8.82
C VAL A 100 0.26 -3.89 10.01
N ARG A 101 0.99 -3.84 11.13
CA ARG A 101 0.63 -4.62 12.32
C ARG A 101 -0.76 -4.29 12.85
N PHE A 102 -1.54 -5.35 12.97
CA PHE A 102 -2.89 -5.32 13.51
C PHE A 102 -2.77 -5.82 14.96
N PHE A 103 -3.21 -5.00 15.92
CA PHE A 103 -3.15 -5.33 17.35
C PHE A 103 -4.40 -5.99 17.91
N GLY A 104 -5.52 -5.75 17.27
CA GLY A 104 -6.77 -6.32 17.75
C GLY A 104 -7.91 -5.34 17.72
N VAL A 105 -8.99 -5.64 18.46
CA VAL A 105 -10.19 -4.82 18.49
C VAL A 105 -10.63 -4.45 19.88
N CYS A 106 -11.55 -3.47 19.94
CA CYS A 106 -12.23 -3.06 21.15
C CYS A 106 -13.72 -3.15 20.81
N THR A 107 -14.41 -4.13 21.42
CA THR A 107 -15.82 -4.41 21.24
C THR A 107 -16.72 -3.99 22.43
N GLU A 108 -16.17 -3.36 23.47
CA GLU A 108 -17.04 -2.95 24.58
C GLU A 108 -17.43 -1.51 24.42
N GLY A 109 -18.69 -1.31 24.07
CA GLY A 109 -19.24 0.02 23.83
C GLY A 109 -18.96 0.50 22.43
N ARG A 110 -19.74 1.46 21.96
CA ARG A 110 -19.57 2.00 20.63
C ARG A 110 -18.71 3.28 20.65
N PRO A 111 -17.96 3.63 19.56
CA PRO A 111 -17.86 2.92 18.27
C PRO A 111 -16.91 1.73 18.38
N LEU A 112 -17.14 0.69 17.57
CA LEU A 112 -16.22 -0.47 17.60
C LEU A 112 -14.91 0.03 16.96
N LEU A 113 -13.77 -0.45 17.46
CA LEU A 113 -12.46 -0.01 17.01
C LEU A 113 -11.52 -1.11 16.59
N MET A 114 -10.72 -0.84 15.56
CA MET A 114 -9.67 -1.78 15.14
C MET A 114 -8.43 -1.02 15.49
N VAL A 115 -7.47 -1.70 16.08
CA VAL A 115 -6.23 -1.07 16.54
C VAL A 115 -5.04 -1.56 15.73
N PHE A 116 -4.33 -0.61 15.11
CA PHE A 116 -3.15 -0.91 14.28
C PHE A 116 -2.00 -0.14 14.82
N GLU A 117 -0.79 -0.43 14.33
CA GLU A 117 0.37 0.35 14.77
C GLU A 117 0.30 1.72 14.12
N TYR A 118 0.94 2.68 14.75
CA TYR A 118 1.01 4.04 14.24
C TYR A 118 2.24 4.11 13.33
N MET A 119 2.05 4.59 12.10
CA MET A 119 3.16 4.69 11.13
C MET A 119 3.48 6.19 10.97
N ARG A 120 4.55 6.66 11.66
CA ARG A 120 5.05 8.03 11.81
C ARG A 120 5.08 8.86 10.51
N HIS A 121 5.52 8.25 9.39
CA HIS A 121 5.62 8.98 8.13
C HIS A 121 4.37 8.95 7.28
N GLY A 122 3.31 8.25 7.72
CA GLY A 122 2.06 8.16 6.97
C GLY A 122 2.14 7.31 5.71
N ASP A 123 1.24 7.54 4.75
CA ASP A 123 1.23 6.71 3.55
C ASP A 123 2.48 6.90 2.67
N LEU A 124 2.84 5.87 1.90
CA LEU A 124 4.02 5.91 1.03
C LEU A 124 3.93 6.99 -0.05
N ASN A 125 2.74 7.27 -0.60
CA ASN A 125 2.63 8.34 -1.59
C ASN A 125 3.04 9.69 -1.01
N ARG A 126 2.48 10.06 0.16
CA ARG A 126 2.77 11.32 0.84
C ARG A 126 4.28 11.45 1.14
N PHE A 127 4.90 10.38 1.60
CA PHE A 127 6.31 10.29 1.91
C PHE A 127 7.18 10.46 0.64
N LEU A 128 6.78 9.81 -0.46
CA LEU A 128 7.56 9.91 -1.72
C LEU A 128 7.61 11.32 -2.29
N ARG A 129 6.47 12.01 -2.29
CA ARG A 129 6.29 13.38 -2.81
C ARG A 129 7.03 14.45 -1.96
N SER A 130 7.12 14.20 -0.63
CA SER A 130 7.75 15.10 0.33
C SER A 130 9.28 14.96 0.32
N HIS A 131 9.79 13.95 -0.40
CA HIS A 131 11.20 13.67 -0.56
C HIS A 131 11.52 13.52 -2.05
N GLY A 132 10.74 14.25 -2.84
CA GLY A 132 10.83 14.32 -4.29
C GLY A 132 11.24 15.70 -4.78
N PRO A 133 11.68 15.83 -6.06
CA PRO A 133 12.12 17.14 -6.56
C PRO A 133 11.07 18.26 -6.53
N ASP A 134 9.79 17.94 -6.30
CA ASP A 134 8.72 18.95 -6.24
C ASP A 134 8.30 19.33 -4.81
N ALA A 135 9.01 18.82 -3.79
CA ALA A 135 8.72 19.13 -2.39
C ALA A 135 9.14 20.57 -2.08
N LYS A 136 8.38 21.23 -1.18
CA LYS A 136 8.57 22.61 -0.71
C LYS A 136 9.96 22.78 -0.05
N LEU A 137 10.32 21.88 0.91
CA LEU A 137 11.58 21.86 1.63
C LEU A 137 12.02 20.43 1.93
N GLY A 140 13.18 17.02 9.33
CA GLY A 140 14.37 17.75 8.86
C GLY A 140 15.43 16.84 8.25
N GLY A 141 15.45 15.60 8.71
CA GLY A 141 16.39 14.59 8.25
C GLY A 141 16.74 13.61 9.33
N GLU A 142 15.73 13.00 9.96
CA GLU A 142 15.99 12.00 10.99
C GLU A 142 16.20 10.63 10.36
N ASP A 143 15.29 10.21 9.43
CA ASP A 143 15.39 8.88 8.81
C ASP A 143 15.96 8.91 7.41
N VAL A 144 15.93 10.10 6.77
CA VAL A 144 16.46 10.19 5.44
C VAL A 144 17.08 11.56 5.21
N ALA A 145 18.15 11.57 4.41
CA ALA A 145 19.00 12.68 4.00
C ALA A 145 18.30 13.91 3.38
N PRO A 146 18.99 15.09 3.27
CA PRO A 146 18.35 16.25 2.64
C PRO A 146 18.27 16.06 1.11
N GLY A 147 17.25 16.68 0.52
CA GLY A 147 17.00 16.60 -0.91
C GLY A 147 16.32 15.31 -1.34
N PRO A 148 16.09 15.11 -2.67
CA PRO A 148 15.42 13.88 -3.12
C PRO A 148 16.04 12.58 -2.67
N LEU A 149 15.23 11.54 -2.56
CA LEU A 149 15.64 10.20 -2.17
C LEU A 149 16.62 9.67 -3.18
N GLY A 150 17.62 8.94 -2.72
CA GLY A 150 18.62 8.35 -3.61
C GLY A 150 18.16 7.00 -4.11
N LEU A 151 18.90 6.44 -5.08
CA LEU A 151 18.58 5.14 -5.66
C LEU A 151 18.47 4.02 -4.66
N GLY A 152 19.40 3.99 -3.72
CA GLY A 152 19.41 2.97 -2.67
C GLY A 152 18.18 3.03 -1.80
N GLN A 153 17.71 4.26 -1.50
CA GLN A 153 16.51 4.52 -0.68
C GLN A 153 15.27 4.03 -1.43
N LEU A 154 15.15 4.38 -2.74
CA LEU A 154 14.07 3.96 -3.61
C LEU A 154 13.97 2.47 -3.77
N LEU A 155 15.11 1.78 -3.86
CA LEU A 155 15.14 0.32 -4.03
C LEU A 155 14.70 -0.46 -2.80
N ALA A 156 15.18 -0.03 -1.60
CA ALA A 156 14.81 -0.66 -0.32
C ALA A 156 13.28 -0.57 -0.12
N VAL A 157 12.68 0.61 -0.47
CA VAL A 157 11.25 0.91 -0.42
C VAL A 157 10.48 -0.13 -1.24
N ALA A 158 10.81 -0.27 -2.55
CA ALA A 158 10.20 -1.22 -3.50
C ALA A 158 10.30 -2.66 -3.07
N SER A 159 11.45 -3.07 -2.50
CA SER A 159 11.70 -4.43 -2.04
C SER A 159 10.74 -4.86 -0.90
N GLN A 160 10.59 -3.97 0.12
CA GLN A 160 9.68 -4.18 1.25
C GLN A 160 8.23 -4.38 0.77
N VAL A 161 7.77 -3.55 -0.22
CA VAL A 161 6.40 -3.65 -0.77
C VAL A 161 6.23 -5.02 -1.46
N ALA A 162 7.28 -5.45 -2.22
CA ALA A 162 7.32 -6.74 -2.92
C ALA A 162 7.25 -7.90 -1.93
N ALA A 163 8.08 -7.84 -0.84
CA ALA A 163 8.12 -8.82 0.26
C ALA A 163 6.72 -9.01 0.82
N GLY A 164 6.03 -7.89 1.08
CA GLY A 164 4.65 -7.91 1.57
C GLY A 164 3.70 -8.56 0.59
N MET A 165 3.91 -8.30 -0.72
CA MET A 165 3.06 -8.88 -1.78
C MET A 165 3.29 -10.38 -1.96
N VAL A 166 4.51 -10.84 -1.61
CA VAL A 166 4.93 -12.24 -1.67
C VAL A 166 4.16 -12.99 -0.59
N TYR A 167 4.04 -12.39 0.62
CA TYR A 167 3.30 -12.98 1.74
C TYR A 167 1.82 -13.06 1.37
N LEU A 168 1.30 -12.05 0.66
CA LEU A 168 -0.09 -12.05 0.24
C LEU A 168 -0.38 -13.07 -0.85
N ALA A 169 0.54 -13.23 -1.83
CA ALA A 169 0.36 -14.24 -2.89
C ALA A 169 0.58 -15.63 -2.24
N GLY A 170 1.43 -15.65 -1.21
CA GLY A 170 1.75 -16.83 -0.42
C GLY A 170 0.51 -17.35 0.28
N LEU A 171 -0.29 -16.43 0.88
CA LEU A 171 -1.56 -16.77 1.55
C LEU A 171 -2.71 -16.71 0.56
N HIS A 172 -2.38 -16.49 -0.73
CA HIS A 172 -3.28 -16.44 -1.89
C HIS A 172 -4.43 -15.41 -1.69
N PHE A 173 -4.02 -14.15 -1.39
CA PHE A 173 -4.83 -12.95 -1.15
C PHE A 173 -4.71 -11.97 -2.32
N VAL A 174 -5.84 -11.55 -2.88
CA VAL A 174 -5.93 -10.60 -3.98
C VAL A 174 -6.30 -9.20 -3.39
N HIS A 175 -5.30 -8.29 -3.37
CA HIS A 175 -5.41 -6.92 -2.83
C HIS A 175 -6.48 -6.08 -3.49
N ARG A 176 -6.46 -6.01 -4.85
CA ARG A 176 -7.38 -5.23 -5.68
C ARG A 176 -7.07 -3.73 -5.67
N ASP A 177 -6.27 -3.21 -4.71
CA ASP A 177 -6.00 -1.78 -4.67
C ASP A 177 -4.57 -1.46 -4.22
N LEU A 178 -3.59 -2.14 -4.83
CA LEU A 178 -2.21 -1.90 -4.53
C LEU A 178 -1.78 -0.63 -5.25
N ALA A 179 -1.29 0.36 -4.44
CA ALA A 179 -0.85 1.70 -4.79
C ALA A 179 -0.08 2.21 -3.60
N THR A 180 0.85 3.15 -3.80
CA THR A 180 1.66 3.69 -2.69
C THR A 180 0.76 4.38 -1.60
N ARG A 181 -0.42 4.87 -2.00
CA ARG A 181 -1.34 5.48 -1.04
C ARG A 181 -1.83 4.41 -0.04
N ASN A 182 -1.71 3.10 -0.43
CA ASN A 182 -2.14 1.97 0.36
C ASN A 182 -1.02 1.22 1.05
N CYS A 183 0.09 1.92 1.26
CA CYS A 183 1.27 1.43 1.97
C CYS A 183 1.56 2.49 3.00
N LEU A 184 2.21 2.14 4.09
CA LEU A 184 2.55 3.10 5.13
C LEU A 184 4.02 3.01 5.49
N VAL A 185 4.57 4.14 5.94
CA VAL A 185 5.98 4.29 6.31
C VAL A 185 6.16 4.61 7.80
N GLY A 186 7.02 3.82 8.46
CA GLY A 186 7.33 4.01 9.87
C GLY A 186 8.75 4.51 10.09
N GLN A 187 9.14 4.57 11.38
CA GLN A 187 10.46 5.01 11.84
C GLN A 187 11.51 4.10 11.24
N GLY A 188 12.64 4.67 10.82
CA GLY A 188 13.75 3.93 10.21
C GLY A 188 13.47 3.46 8.80
N LEU A 189 12.52 4.15 8.12
CA LEU A 189 12.05 3.88 6.76
C LEU A 189 11.51 2.46 6.55
N VAL A 190 10.73 1.95 7.51
CA VAL A 190 10.12 0.62 7.38
C VAL A 190 8.82 0.86 6.59
N VAL A 191 8.62 0.13 5.48
CA VAL A 191 7.45 0.25 4.62
C VAL A 191 6.65 -1.02 4.74
N LYS A 192 5.34 -0.85 4.84
CA LYS A 192 4.42 -1.97 4.99
C LYS A 192 3.19 -1.73 4.17
N ILE A 193 2.58 -2.78 3.64
CA ILE A 193 1.32 -2.66 2.89
C ILE A 193 0.24 -2.49 3.96
N GLY A 194 -0.72 -1.60 3.69
CA GLY A 194 -1.81 -1.36 4.62
C GLY A 194 -2.46 0.00 4.51
N ASP A 195 -3.73 0.05 4.89
CA ASP A 195 -4.53 1.27 4.86
C ASP A 195 -5.64 1.18 5.92
N PHE A 196 -6.41 2.25 6.09
CA PHE A 196 -7.49 2.29 7.06
C PHE A 196 -8.85 2.46 6.36
N GLY A 197 -8.91 2.13 5.08
CA GLY A 197 -10.12 2.18 4.27
C GLY A 197 -10.55 3.56 3.84
N MET A 198 -9.63 4.53 3.84
CA MET A 198 -10.02 5.89 3.44
C MET A 198 -9.40 6.41 2.15
N SER A 199 -8.77 5.55 1.36
CA SER A 199 -8.09 5.97 0.14
C SER A 199 -9.01 6.61 -0.86
N ARG A 200 -10.24 6.10 -0.97
CA ARG A 200 -11.26 6.64 -1.86
C ARG A 200 -11.73 8.05 -1.49
N ASP A 201 -11.59 8.45 -0.23
CA ASP A 201 -11.97 9.78 0.27
C ASP A 201 -10.75 10.74 0.18
N ILE A 202 -9.58 10.26 0.61
CA ILE A 202 -8.38 11.08 0.61
C ILE A 202 -7.78 11.26 -0.80
N TYR A 203 -7.83 10.23 -1.65
CA TYR A 203 -7.27 10.22 -3.01
C TYR A 203 -8.33 9.93 -4.06
N SER A 204 -9.44 10.68 -4.03
CA SER A 204 -10.55 10.47 -4.95
C SER A 204 -10.20 10.53 -6.44
N THR A 205 -9.18 11.32 -6.84
CA THR A 205 -8.76 11.46 -8.25
C THR A 205 -8.01 10.23 -8.77
N ASP A 206 -7.65 9.32 -7.84
CA ASP A 206 -7.01 8.04 -8.15
C ASP A 206 -8.04 6.93 -8.44
N TYR A 207 -9.34 7.28 -8.51
CA TYR A 207 -10.46 6.37 -8.77
C TYR A 207 -11.36 6.91 -9.84
N TYR A 208 -11.94 6.00 -10.64
CA TYR A 208 -12.90 6.39 -11.66
C TYR A 208 -14.28 5.93 -11.17
N ARG A 209 -15.17 6.92 -10.96
CA ARG A 209 -16.54 6.70 -10.49
C ARG A 209 -17.41 6.24 -11.66
N VAL A 210 -17.71 4.94 -11.65
CA VAL A 210 -18.52 4.23 -12.65
C VAL A 210 -20.01 4.67 -12.58
N GLY A 211 -20.56 4.72 -11.36
CA GLY A 211 -21.95 5.10 -11.12
C GLY A 211 -22.45 4.70 -9.75
N GLY A 212 -23.06 5.67 -9.05
CA GLY A 212 -23.61 5.47 -7.72
C GLY A 212 -22.55 5.50 -6.63
N ARG A 213 -22.03 4.30 -6.27
CA ARG A 213 -21.01 4.15 -5.22
C ARG A 213 -19.62 3.71 -5.71
N THR A 214 -19.56 2.67 -6.59
CA THR A 214 -18.39 2.01 -7.17
C THR A 214 -17.34 2.98 -7.79
N MET A 215 -16.09 2.88 -7.27
CA MET A 215 -14.92 3.66 -7.67
C MET A 215 -13.75 2.72 -7.93
N LEU A 216 -13.22 2.72 -9.15
CA LEU A 216 -12.12 1.80 -9.52
C LEU A 216 -10.72 2.45 -9.69
N PRO A 217 -9.63 1.82 -9.20
CA PRO A 217 -8.30 2.43 -9.36
C PRO A 217 -7.75 2.07 -10.74
N ILE A 218 -8.44 2.54 -11.78
CA ILE A 218 -8.17 2.25 -13.20
C ILE A 218 -6.69 2.44 -13.61
N ARG A 219 -5.99 3.53 -13.18
CA ARG A 219 -4.59 3.83 -13.56
C ARG A 219 -3.60 2.76 -13.10
N TRP A 220 -4.03 1.94 -12.16
CA TRP A 220 -3.27 0.86 -11.55
C TRP A 220 -3.71 -0.54 -12.01
N MET A 221 -4.76 -0.60 -12.86
CA MET A 221 -5.37 -1.86 -13.32
C MET A 221 -4.93 -2.41 -14.66
N PRO A 222 -4.76 -3.76 -14.79
CA PRO A 222 -4.37 -4.33 -16.10
C PRO A 222 -5.56 -4.36 -17.09
N PRO A 223 -5.34 -4.66 -18.40
CA PRO A 223 -6.48 -4.69 -19.33
C PRO A 223 -7.57 -5.67 -18.94
N GLU A 224 -7.25 -6.87 -18.41
CA GLU A 224 -8.31 -7.82 -18.04
C GLU A 224 -9.19 -7.35 -16.87
N SER A 225 -8.68 -6.47 -15.96
CA SER A 225 -9.49 -5.96 -14.85
C SER A 225 -10.40 -4.85 -15.38
N ILE A 226 -9.88 -4.03 -16.30
CA ILE A 226 -10.71 -2.96 -16.88
C ILE A 226 -11.74 -3.60 -17.85
N LEU A 227 -11.26 -4.38 -18.83
CA LEU A 227 -12.09 -5.03 -19.84
C LEU A 227 -13.02 -6.12 -19.32
N TYR A 228 -12.48 -7.13 -18.62
CA TYR A 228 -13.27 -8.28 -18.19
C TYR A 228 -13.72 -8.24 -16.74
N ARG A 229 -13.20 -7.28 -15.93
CA ARG A 229 -13.54 -7.09 -14.51
C ARG A 229 -13.04 -8.27 -13.66
N LYS A 230 -11.92 -8.89 -14.09
CA LYS A 230 -11.24 -10.01 -13.43
C LYS A 230 -10.13 -9.48 -12.52
N PHE A 231 -10.07 -9.97 -11.28
CA PHE A 231 -9.06 -9.55 -10.31
C PHE A 231 -8.37 -10.80 -9.75
N THR A 232 -7.06 -10.90 -9.94
CA THR A 232 -6.22 -12.03 -9.53
C THR A 232 -4.91 -11.61 -8.88
N THR A 233 -4.06 -12.61 -8.58
CA THR A 233 -2.70 -12.52 -8.03
C THR A 233 -1.82 -11.82 -9.10
N GLU A 234 -2.18 -12.01 -10.38
CA GLU A 234 -1.55 -11.51 -11.60
C GLU A 234 -1.96 -10.08 -11.91
N SER A 235 -3.20 -9.68 -11.60
CA SER A 235 -3.58 -8.28 -11.81
C SER A 235 -2.85 -7.45 -10.71
N ASP A 236 -2.52 -8.13 -9.55
CA ASP A 236 -1.79 -7.57 -8.41
C ASP A 236 -0.31 -7.37 -8.73
N VAL A 237 0.33 -8.23 -9.58
CA VAL A 237 1.75 -8.03 -9.96
C VAL A 237 1.81 -6.83 -10.90
N TRP A 238 0.78 -6.66 -11.74
CA TRP A 238 0.69 -5.53 -12.69
C TRP A 238 0.66 -4.25 -11.89
N SER A 239 -0.13 -4.22 -10.79
CA SER A 239 -0.27 -3.06 -9.91
C SER A 239 1.03 -2.79 -9.24
N PHE A 240 1.76 -3.83 -8.85
CA PHE A 240 3.07 -3.67 -8.24
C PHE A 240 4.00 -2.97 -9.23
N GLY A 241 3.92 -3.36 -10.51
CA GLY A 241 4.69 -2.74 -11.58
C GLY A 241 4.44 -1.24 -11.60
N VAL A 242 3.15 -0.85 -11.46
CA VAL A 242 2.69 0.54 -11.42
C VAL A 242 3.21 1.21 -10.09
N VAL A 243 3.23 0.46 -8.95
CA VAL A 243 3.75 0.93 -7.65
C VAL A 243 5.27 1.22 -7.79
N LEU A 244 5.96 0.36 -8.57
CA LEU A 244 7.40 0.48 -8.86
C LEU A 244 7.61 1.78 -9.61
N TRP A 245 6.73 2.08 -10.59
CA TRP A 245 6.76 3.33 -11.37
C TRP A 245 6.54 4.54 -10.46
N GLU A 246 5.54 4.44 -9.53
CA GLU A 246 5.22 5.51 -8.57
C GLU A 246 6.44 5.81 -7.68
N ILE A 247 7.15 4.77 -7.20
CA ILE A 247 8.35 4.90 -6.37
C ILE A 247 9.41 5.69 -7.09
N PHE A 248 9.67 5.36 -8.38
CA PHE A 248 10.71 6.01 -9.16
C PHE A 248 10.30 7.36 -9.79
N THR A 249 9.04 7.80 -9.57
CA THR A 249 8.55 9.10 -10.05
C THR A 249 8.20 9.95 -8.84
N TYR A 250 8.61 9.48 -7.62
CA TYR A 250 8.38 10.18 -6.35
C TYR A 250 6.87 10.44 -6.08
N GLY A 251 6.09 9.38 -6.28
CA GLY A 251 4.66 9.39 -6.04
C GLY A 251 3.75 10.07 -7.04
N LYS A 252 4.23 10.37 -8.26
CA LYS A 252 3.40 10.99 -9.31
C LYS A 252 2.25 10.05 -9.69
N GLN A 253 1.10 10.59 -10.07
CA GLN A 253 -0.01 9.74 -10.45
C GLN A 253 0.26 9.09 -11.83
N PRO A 254 0.12 7.75 -11.99
CA PRO A 254 0.34 7.13 -13.31
C PRO A 254 -0.66 7.70 -14.33
N TRP A 255 -0.17 7.98 -15.57
CA TRP A 255 -0.95 8.53 -16.69
C TRP A 255 -1.59 9.87 -16.31
N TYR A 256 -0.90 10.66 -15.45
CA TYR A 256 -1.38 11.98 -14.99
C TYR A 256 -1.77 12.91 -16.14
N GLN A 257 -1.08 12.77 -17.27
CA GLN A 257 -1.33 13.59 -18.46
C GLN A 257 -2.70 13.28 -19.13
N LEU A 258 -3.30 12.14 -18.76
CA LEU A 258 -4.56 11.65 -19.30
C LEU A 258 -5.75 11.70 -18.38
N SER A 259 -6.93 11.91 -18.97
CA SER A 259 -8.22 11.85 -18.28
C SER A 259 -8.50 10.33 -18.01
N ASN A 260 -9.56 10.05 -17.24
CA ASN A 260 -9.95 8.70 -16.87
C ASN A 260 -10.29 7.81 -18.11
N THR A 261 -11.02 8.38 -19.07
CA THR A 261 -11.41 7.71 -20.32
C THR A 261 -10.20 7.51 -21.22
N GLU A 262 -9.27 8.51 -21.30
CA GLU A 262 -8.07 8.36 -22.10
C GLU A 262 -7.16 7.32 -21.46
N ALA A 263 -7.09 7.28 -20.11
CA ALA A 263 -6.25 6.30 -19.42
C ALA A 263 -6.82 4.86 -19.63
N ILE A 264 -8.14 4.69 -19.56
CA ILE A 264 -8.77 3.36 -19.82
C ILE A 264 -8.36 2.94 -21.25
N ASP A 265 -8.49 3.88 -22.23
CA ASP A 265 -8.13 3.66 -23.63
C ASP A 265 -6.70 3.18 -23.81
N CYS A 266 -5.69 3.91 -23.23
CA CYS A 266 -4.28 3.57 -23.30
C CYS A 266 -3.96 2.22 -22.73
N ILE A 267 -4.56 1.89 -21.58
CA ILE A 267 -4.28 0.59 -20.95
C ILE A 267 -4.82 -0.54 -21.83
N THR A 268 -6.10 -0.45 -22.22
CA THR A 268 -6.75 -1.47 -23.07
C THR A 268 -6.11 -1.59 -24.48
N GLN A 269 -5.34 -0.60 -24.92
CA GLN A 269 -4.69 -0.60 -26.23
C GLN A 269 -3.19 -0.98 -26.16
N GLY A 270 -2.79 -1.62 -25.05
CA GLY A 270 -1.44 -2.11 -24.79
C GLY A 270 -0.34 -1.13 -24.42
N ARG A 271 -0.63 0.19 -24.31
CA ARG A 271 0.37 1.19 -23.97
C ARG A 271 1.06 0.96 -22.63
N GLU A 272 2.39 1.15 -22.60
CA GLU A 272 3.23 1.00 -21.42
C GLU A 272 3.67 2.36 -20.90
N LEU A 273 3.76 2.52 -19.55
CA LEU A 273 4.16 3.76 -18.90
C LEU A 273 5.65 3.98 -19.24
N GLU A 274 6.07 5.24 -19.49
CA GLU A 274 7.46 5.58 -19.83
C GLU A 274 8.42 5.26 -18.66
N ARG A 275 9.71 5.14 -18.99
CA ARG A 275 10.75 4.85 -18.02
C ARG A 275 11.00 6.13 -17.26
N PRO A 276 10.77 6.13 -15.93
CA PRO A 276 11.04 7.33 -15.13
C PRO A 276 12.53 7.73 -15.22
N ARG A 277 12.82 9.04 -15.10
CA ARG A 277 14.17 9.63 -15.13
C ARG A 277 15.13 8.87 -14.22
N ALA A 278 14.80 8.86 -12.91
CA ALA A 278 15.59 8.21 -11.86
C ALA A 278 15.61 6.68 -11.93
N CYS A 279 14.95 6.07 -12.94
CA CYS A 279 14.87 4.60 -13.03
C CYS A 279 15.92 3.92 -13.96
N PRO A 280 16.73 3.00 -13.39
CA PRO A 280 17.73 2.29 -14.20
C PRO A 280 17.08 1.24 -15.12
N PRO A 281 17.66 0.98 -16.33
CA PRO A 281 17.07 0.01 -17.27
C PRO A 281 16.73 -1.36 -16.66
N GLU A 282 17.48 -1.75 -15.63
CA GLU A 282 17.30 -3.01 -14.88
C GLU A 282 16.01 -2.97 -14.04
N VAL A 283 15.71 -1.80 -13.44
CA VAL A 283 14.48 -1.63 -12.64
C VAL A 283 13.27 -1.55 -13.61
N TYR A 284 13.47 -0.94 -14.79
CA TYR A 284 12.45 -0.82 -15.83
C TYR A 284 12.07 -2.17 -16.42
N ALA A 285 13.01 -3.13 -16.36
CA ALA A 285 12.84 -4.50 -16.85
C ALA A 285 11.97 -5.30 -15.87
N ILE A 286 12.02 -4.91 -14.58
CA ILE A 286 11.19 -5.56 -13.55
C ILE A 286 9.75 -5.07 -13.82
N MET A 287 9.58 -3.76 -14.07
CA MET A 287 8.28 -3.11 -14.38
C MET A 287 7.60 -3.75 -15.60
N ARG A 288 8.34 -3.76 -16.74
CA ARG A 288 7.87 -4.34 -18.01
C ARG A 288 7.41 -5.78 -17.86
N GLY A 289 8.10 -6.54 -17.01
CA GLY A 289 7.76 -7.92 -16.69
C GLY A 289 6.40 -8.10 -16.03
N CYS A 290 5.94 -7.08 -15.25
CA CYS A 290 4.64 -7.03 -14.56
C CYS A 290 3.58 -6.59 -15.58
N TRP A 291 4.01 -5.82 -16.60
CA TRP A 291 3.12 -5.27 -17.61
C TRP A 291 2.90 -6.14 -18.89
N GLN A 292 3.08 -7.47 -18.80
CA GLN A 292 2.83 -8.38 -19.93
C GLN A 292 1.32 -8.47 -20.10
N ARG A 293 0.79 -8.21 -21.32
CA ARG A 293 -0.65 -8.25 -21.59
C ARG A 293 -1.30 -9.55 -21.09
N GLU A 294 -0.59 -10.68 -21.23
CA GLU A 294 -1.02 -12.01 -20.81
C GLU A 294 -0.68 -12.32 -19.35
N PRO A 295 -1.70 -12.37 -18.44
CA PRO A 295 -1.44 -12.65 -17.00
C PRO A 295 -0.44 -13.75 -16.66
N GLN A 296 -0.41 -14.80 -17.48
CA GLN A 296 0.42 -16.01 -17.37
C GLN A 296 1.91 -15.69 -17.59
N GLN A 297 2.18 -14.79 -18.56
CA GLN A 297 3.51 -14.33 -18.97
C GLN A 297 4.16 -13.47 -17.88
N ARG A 298 3.32 -12.76 -17.09
CA ARG A 298 3.78 -11.88 -16.00
C ARG A 298 4.65 -12.64 -15.03
N HIS A 299 5.76 -12.00 -14.64
CA HIS A 299 6.72 -12.56 -13.70
C HIS A 299 6.12 -12.66 -12.33
N SER A 300 6.37 -13.79 -11.63
CA SER A 300 5.89 -14.07 -10.27
C SER A 300 6.42 -13.01 -9.31
N ILE A 301 5.68 -12.73 -8.22
CA ILE A 301 6.06 -11.73 -7.22
C ILE A 301 7.32 -12.17 -6.45
N LYS A 302 7.52 -13.49 -6.29
CA LYS A 302 8.69 -14.08 -5.61
C LYS A 302 9.98 -13.64 -6.30
N ASP A 303 10.03 -13.75 -7.65
CA ASP A 303 11.19 -13.40 -8.47
C ASP A 303 11.35 -11.90 -8.65
N VAL A 304 10.23 -11.16 -8.70
CA VAL A 304 10.23 -9.70 -8.79
C VAL A 304 10.87 -9.20 -7.47
N HIS A 305 10.48 -9.81 -6.33
CA HIS A 305 11.02 -9.49 -5.02
C HIS A 305 12.48 -9.90 -4.94
N ALA A 306 12.81 -11.17 -5.31
CA ALA A 306 14.17 -11.69 -5.30
C ALA A 306 15.09 -10.80 -6.13
N ARG A 307 14.59 -10.30 -7.28
CA ARG A 307 15.37 -9.39 -8.12
C ARG A 307 15.59 -8.06 -7.40
N LEU A 308 14.55 -7.54 -6.70
CA LEU A 308 14.64 -6.27 -5.99
C LEU A 308 15.48 -6.35 -4.72
N GLN A 309 15.41 -7.46 -3.96
CA GLN A 309 16.19 -7.65 -2.73
C GLN A 309 17.68 -7.47 -3.02
N ALA A 310 18.19 -8.17 -4.07
CA ALA A 310 19.59 -8.10 -4.50
C ALA A 310 19.97 -6.69 -4.96
N LEU A 311 19.11 -6.04 -5.77
CA LEU A 311 19.36 -4.68 -6.24
C LEU A 311 19.43 -3.71 -5.04
N ALA A 312 18.56 -3.92 -4.02
CA ALA A 312 18.55 -3.09 -2.79
C ALA A 312 19.79 -3.38 -1.94
N GLN A 313 20.14 -4.68 -1.74
CA GLN A 313 21.31 -5.07 -0.96
C GLN A 313 22.46 -5.49 -1.89
N ALA A 314 22.98 -4.48 -2.62
CA ALA A 314 24.09 -4.59 -3.56
C ALA A 314 25.08 -3.48 -3.17
N PRO A 315 26.41 -3.68 -3.34
CA PRO A 315 27.37 -2.63 -2.94
C PRO A 315 27.16 -1.27 -3.60
N PRO A 316 27.59 -0.16 -2.96
CA PRO A 316 27.44 1.16 -3.60
C PRO A 316 28.26 1.32 -4.87
N VAL A 317 29.32 0.50 -5.05
CA VAL A 317 30.16 0.51 -6.24
C VAL A 317 29.31 -0.02 -7.42
N TYR A 318 28.57 -1.14 -7.22
CA TYR A 318 27.70 -1.72 -8.24
C TYR A 318 26.45 -0.86 -8.49
N LEU A 319 25.94 -0.21 -7.42
CA LEU A 319 24.77 0.66 -7.46
C LEU A 319 25.03 1.95 -8.19
N ASP A 320 26.20 2.58 -7.94
CA ASP A 320 26.59 3.83 -8.59
C ASP A 320 26.81 3.68 -10.10
N VAL A 321 27.15 2.46 -10.56
CA VAL A 321 27.36 2.22 -12.00
C VAL A 321 26.00 2.00 -12.72
N LEU A 322 24.94 1.72 -11.94
CA LEU A 322 23.59 1.52 -12.49
C LEU A 322 22.89 2.87 -12.78
N GLY A 323 23.11 3.85 -11.90
CA GLY A 323 22.57 5.21 -12.03
C GLY A 323 23.53 6.15 -12.72
N HIS A 324 23.15 6.67 -13.90
CA HIS A 324 23.99 7.57 -14.71
C HIS A 324 23.53 9.05 -14.70
N HIS A 325 24.48 9.98 -15.05
CA HIS A 325 24.38 11.45 -15.11
C HIS A 325 24.56 12.08 -13.72
#